data_3S9C
#
_entry.id   3S9C
#
_cell.length_a   101.200
_cell.length_b   101.200
_cell.length_c   44.200
_cell.angle_alpha   90.00
_cell.angle_beta   90.00
_cell.angle_gamma   120.00
#
_symmetry.space_group_name_H-M   'P 61'
#
loop_
_entity.id
_entity.type
_entity.pdbx_description
1 polymer 'Vipera russelli proteinase RVV-V gamma'
2 polymer 'Coagulation factor V'
3 branched beta-D-mannopyranose-(1-4)-2-acetamido-2-deoxy-beta-D-glucopyranose-(1-4)-2-acetamido-2-deoxy-beta-D-glucopyranose
4 non-polymer beta-D-glucopyranose
5 non-polymer alpha-D-glucopyranose
6 non-polymer 'ACETATE ION'
7 non-polymer 'ZINC ION'
8 water water
#
loop_
_entity_poly.entity_id
_entity_poly.type
_entity_poly.pdbx_seq_one_letter_code
_entity_poly.pdbx_strand_id
1 'polypeptide(L)'
;VVGGDECNINEHPFLVALYTSASSTIHCAGALINREWVLTAAHCDRRNIRIKLGMHSKNIRNEDEQIRVPRGKYFCLNTK
FPNGLDKDIMLIRLRRPVTYSTHIAPVSLPSRSRGVGSRCRIMGWGKISTTTYPDVPHCTNIFIVKHKWCEPLYPWVPAD
SRTLCAGILKGGRDTCHGDSGGPLICNGEMHGIVAGGSEPCGQHLKPAVYTKVFDYNNWIQSIIAGNRTVTCPP
;
A
2 'polypeptide(L)' SRDPDNIAAWYLRS B
#
loop_
_chem_comp.id
_chem_comp.type
_chem_comp.name
_chem_comp.formula
ACT non-polymer 'ACETATE ION' 'C2 H3 O2 -1'
BGC D-saccharide, beta linking beta-D-glucopyranose 'C6 H12 O6'
BMA D-saccharide, beta linking beta-D-mannopyranose 'C6 H12 O6'
GLC D-saccharide, alpha linking alpha-D-glucopyranose 'C6 H12 O6'
NAG D-saccharide, beta linking 2-acetamido-2-deoxy-beta-D-glucopyranose 'C8 H15 N O6'
ZN non-polymer 'ZINC ION' 'Zn 2'
#
# COMPACT_ATOMS: atom_id res chain seq x y z
N VAL A 1 0.06 11.19 -2.93
CA VAL A 1 1.16 11.09 -3.96
C VAL A 1 1.49 12.49 -4.47
N VAL A 2 2.76 12.88 -4.34
CA VAL A 2 3.19 14.19 -4.81
C VAL A 2 3.95 14.05 -6.13
N GLY A 3 3.90 15.11 -6.95
CA GLY A 3 4.59 15.09 -8.24
C GLY A 3 3.88 14.34 -9.34
N GLY A 4 2.65 13.91 -9.10
CA GLY A 4 1.91 13.16 -10.08
C GLY A 4 0.70 13.88 -10.66
N ASP A 5 -0.24 13.09 -11.18
CA ASP A 5 -1.47 13.61 -11.77
C ASP A 5 -2.61 12.67 -11.39
N GLU A 6 -3.84 13.06 -11.70
CA GLU A 6 -5.00 12.21 -11.43
C GLU A 6 -4.79 10.89 -12.18
N CYS A 7 -5.06 9.78 -11.51
CA CYS A 7 -4.91 8.49 -12.14
C CYS A 7 -6.01 8.36 -13.18
N ASN A 8 -5.81 7.50 -14.18
CA ASN A 8 -6.89 7.28 -15.13
C ASN A 8 -7.96 6.52 -14.34
N ILE A 9 -9.22 6.95 -14.48
CA ILE A 9 -10.33 6.35 -13.75
C ILE A 9 -10.48 4.83 -13.94
N ASN A 10 -9.90 4.27 -14.99
CA ASN A 10 -10.04 2.83 -15.22
C ASN A 10 -8.77 2.02 -15.04
N GLU A 11 -7.68 2.65 -14.59
CA GLU A 11 -6.42 1.95 -14.45
C GLU A 11 -6.13 1.38 -13.06
N HIS A 12 -7.03 1.60 -12.11
CA HIS A 12 -6.79 1.14 -10.74
C HIS A 12 -7.94 0.35 -10.12
N PRO A 13 -8.47 -0.65 -10.85
CA PRO A 13 -9.59 -1.44 -10.33
C PRO A 13 -9.30 -2.26 -9.07
N PHE A 14 -8.03 -2.50 -8.80
CA PHE A 14 -7.61 -3.25 -7.60
C PHE A 14 -7.39 -2.30 -6.42
N LEU A 15 -7.39 -0.99 -6.68
CA LEU A 15 -7.14 -0.03 -5.60
C LEU A 15 -8.33 0.20 -4.67
N VAL A 16 -8.11 0.03 -3.38
CA VAL A 16 -9.19 0.26 -2.42
C VAL A 16 -8.80 1.37 -1.46
N ALA A 17 -9.78 2.05 -0.91
CA ALA A 17 -9.55 3.14 0.04
C ALA A 17 -9.98 2.74 1.44
N LEU A 18 -9.14 3.03 2.43
CA LEU A 18 -9.49 2.69 3.80
C LEU A 18 -9.86 3.95 4.59
N TYR A 19 -10.95 3.85 5.34
CA TYR A 19 -11.37 4.96 6.18
C TYR A 19 -12.02 4.33 7.39
N THR A 20 -12.84 5.07 8.14
CA THR A 20 -13.49 4.45 9.29
C THR A 20 -14.95 4.89 9.35
N SER A 21 -15.70 4.31 10.28
CA SER A 21 -17.10 4.67 10.42
C SER A 21 -17.20 6.06 11.04
N ALA A 22 -16.14 6.49 11.70
CA ALA A 22 -16.14 7.79 12.36
C ALA A 22 -15.77 8.96 11.48
N SER A 23 -15.17 8.68 10.31
CA SER A 23 -14.74 9.76 9.44
C SER A 23 -14.69 9.38 7.95
N SER A 24 -14.81 10.37 7.08
CA SER A 24 -14.76 10.14 5.64
C SER A 24 -13.31 10.29 5.14
N THR A 25 -12.43 10.70 6.04
CA THR A 25 -11.00 10.87 5.72
C THR A 25 -10.42 9.53 5.28
N ILE A 26 -9.72 9.52 4.15
CA ILE A 26 -9.09 8.26 3.69
C ILE A 26 -7.70 8.22 4.35
N HIS A 27 -7.49 7.32 5.29
CA HIS A 27 -6.18 7.27 5.95
C HIS A 27 -5.15 6.33 5.34
N CYS A 28 -5.59 5.49 4.40
CA CYS A 28 -4.71 4.53 3.74
C CYS A 28 -5.39 3.97 2.52
N ALA A 29 -4.65 3.18 1.76
CA ALA A 29 -5.22 2.48 0.61
C ALA A 29 -4.87 1.01 0.86
N GLY A 30 -5.26 0.19 -0.10
CA GLY A 30 -4.99 -1.24 -0.05
C GLY A 30 -5.20 -1.78 -1.46
N ALA A 31 -5.03 -3.09 -1.62
CA ALA A 31 -5.22 -3.69 -2.94
C ALA A 31 -6.07 -4.95 -2.83
N LEU A 32 -7.03 -5.08 -3.74
CA LEU A 32 -7.87 -6.28 -3.76
C LEU A 32 -7.04 -7.37 -4.40
N ILE A 33 -6.89 -8.53 -3.77
CA ILE A 33 -6.08 -9.59 -4.41
C ILE A 33 -6.91 -10.80 -4.85
N ASN A 34 -8.18 -10.79 -4.48
CA ASN A 34 -9.20 -11.77 -4.90
C ASN A 34 -10.55 -11.26 -4.41
N ARG A 35 -11.62 -12.00 -4.67
CA ARG A 35 -12.96 -11.54 -4.29
C ARG A 35 -13.24 -11.22 -2.84
N GLU A 36 -12.49 -11.80 -1.91
CA GLU A 36 -12.79 -11.50 -0.53
C GLU A 36 -11.58 -11.11 0.30
N TRP A 37 -10.49 -10.76 -0.35
CA TRP A 37 -9.28 -10.38 0.41
C TRP A 37 -8.61 -9.08 -0.03
N VAL A 38 -8.22 -8.28 0.95
CA VAL A 38 -7.54 -7.02 0.69
C VAL A 38 -6.19 -7.05 1.37
N LEU A 39 -5.14 -6.64 0.65
CA LEU A 39 -3.77 -6.59 1.19
C LEU A 39 -3.44 -5.11 1.45
N THR A 40 -2.95 -4.79 2.64
CA THR A 40 -2.62 -3.40 2.97
C THR A 40 -1.49 -3.39 4.01
N ALA A 41 -1.26 -2.26 4.67
CA ALA A 41 -0.19 -2.22 5.68
C ALA A 41 -0.80 -2.40 7.07
N ALA A 42 -0.04 -3.03 7.97
CA ALA A 42 -0.50 -3.25 9.33
C ALA A 42 -0.83 -1.95 10.06
N HIS A 43 -0.05 -0.89 9.84
CA HIS A 43 -0.34 0.35 10.55
C HIS A 43 -1.61 1.07 10.10
N CYS A 44 -2.24 0.57 9.04
CA CYS A 44 -3.49 1.15 8.53
C CYS A 44 -4.70 0.61 9.27
N ASP A 45 -4.48 -0.38 10.11
CA ASP A 45 -5.58 -0.97 10.87
C ASP A 45 -6.24 0.08 11.78
N ARG A 46 -7.56 -0.03 11.90
CA ARG A 46 -8.33 0.84 12.78
C ARG A 46 -9.43 -0.05 13.38
N ARG A 47 -9.91 0.29 14.55
CA ARG A 47 -10.89 -0.60 15.15
C ARG A 47 -12.23 -0.65 14.42
N ASN A 48 -12.56 0.43 13.71
CA ASN A 48 -13.82 0.56 12.98
C ASN A 48 -13.55 0.81 11.49
N ILE A 49 -12.62 0.07 10.92
CA ILE A 49 -12.24 0.27 9.53
C ILE A 49 -13.36 0.02 8.51
N ARG A 50 -13.38 0.83 7.45
CA ARG A 50 -14.35 0.71 6.36
C ARG A 50 -13.53 0.67 5.08
N ILE A 51 -13.98 -0.10 4.09
CA ILE A 51 -13.24 -0.21 2.83
C ILE A 51 -14.11 0.10 1.64
N LYS A 52 -13.66 1.04 0.81
CA LYS A 52 -14.40 1.40 -0.40
C LYS A 52 -13.68 0.77 -1.59
N LEU A 53 -14.41 0.00 -2.38
CA LEU A 53 -13.87 -0.66 -3.57
C LEU A 53 -14.55 -0.09 -4.82
N GLY A 54 -13.84 -0.08 -5.94
CA GLY A 54 -14.41 0.44 -7.16
C GLY A 54 -14.58 1.95 -7.14
N MET A 55 -13.79 2.63 -6.30
CA MET A 55 -13.92 4.08 -6.21
C MET A 55 -12.80 4.86 -6.87
N HIS A 56 -13.13 6.05 -7.37
CA HIS A 56 -12.16 6.96 -7.95
C HIS A 56 -12.35 8.21 -7.08
N SER A 57 -13.26 9.09 -7.50
CA SER A 57 -13.53 10.28 -6.71
C SER A 57 -14.25 9.93 -5.40
N LYS A 58 -13.78 10.53 -4.31
CA LYS A 58 -14.34 10.35 -2.97
C LYS A 58 -15.81 10.80 -2.88
N ASN A 59 -16.18 11.71 -3.77
CA ASN A 59 -17.52 12.29 -3.76
C ASN A 59 -18.47 11.83 -4.86
N ILE A 60 -17.92 11.51 -6.02
CA ILE A 60 -18.71 11.05 -7.15
C ILE A 60 -18.60 9.52 -7.23
N ARG A 61 -19.68 8.84 -6.87
CA ARG A 61 -19.68 7.36 -6.89
C ARG A 61 -19.74 6.69 -8.25
N ASN A 62 -18.97 5.62 -8.42
CA ASN A 62 -19.01 4.86 -9.67
C ASN A 62 -20.22 3.94 -9.50
N GLU A 63 -20.82 3.51 -10.61
CA GLU A 63 -22.00 2.66 -10.55
C GLU A 63 -21.76 1.37 -9.76
N ASP A 64 -20.55 0.81 -9.86
CA ASP A 64 -20.24 -0.43 -9.17
C ASP A 64 -19.44 -0.29 -7.87
N GLU A 65 -19.38 0.92 -7.32
CA GLU A 65 -18.65 1.19 -6.06
C GLU A 65 -19.27 0.40 -4.91
N GLN A 66 -18.41 -0.18 -4.08
CA GLN A 66 -18.86 -1.01 -2.96
C GLN A 66 -18.19 -0.62 -1.63
N ILE A 67 -18.91 -0.88 -0.54
CA ILE A 67 -18.41 -0.65 0.80
C ILE A 67 -18.35 -2.01 1.49
N ARG A 68 -17.26 -2.29 2.19
CA ARG A 68 -17.14 -3.54 2.93
C ARG A 68 -16.49 -3.27 4.28
N VAL A 69 -16.69 -4.21 5.20
CA VAL A 69 -16.08 -4.14 6.52
C VAL A 69 -15.40 -5.49 6.62
N PRO A 70 -14.43 -5.61 7.52
CA PRO A 70 -13.72 -6.88 7.69
C PRO A 70 -14.49 -7.97 8.38
N ARG A 71 -14.15 -9.22 8.09
CA ARG A 71 -14.74 -10.34 8.81
C ARG A 71 -13.51 -10.96 9.50
N GLY A 72 -12.33 -10.45 9.17
CA GLY A 72 -11.11 -10.96 9.77
C GLY A 72 -9.89 -10.15 9.39
N LYS A 73 -8.90 -10.07 10.29
CA LYS A 73 -7.68 -9.32 10.03
C LYS A 73 -6.50 -10.21 10.39
N TYR A 74 -5.50 -10.24 9.55
CA TYR A 74 -4.35 -11.09 9.78
C TYR A 74 -3.01 -10.38 9.67
N PHE A 75 -2.18 -10.59 10.67
CA PHE A 75 -0.86 -9.99 10.75
C PHE A 75 0.22 -11.07 10.87
N CYS A 76 1.47 -10.66 10.71
CA CYS A 76 2.59 -11.56 10.83
C CYS A 76 2.67 -11.99 12.29
N LEU A 77 2.91 -13.29 12.48
CA LEU A 77 3.01 -13.85 13.81
C LEU A 77 4.34 -13.51 14.46
N ASN A 78 5.39 -13.63 13.67
CA ASN A 78 6.76 -13.40 14.11
C ASN A 78 7.35 -12.09 13.61
N THR A 79 7.56 -11.14 14.52
CA THR A 79 8.17 -9.86 14.11
C THR A 79 9.22 -9.42 15.11
N LYS A 80 10.18 -8.63 14.65
CA LYS A 80 11.23 -8.12 15.53
C LYS A 80 10.70 -7.05 16.48
N PHE A 81 9.88 -6.13 15.97
CA PHE A 81 9.32 -5.04 16.77
C PHE A 81 8.04 -5.48 17.48
N PRO A 82 7.84 -5.03 18.72
CA PRO A 82 6.61 -5.43 19.39
C PRO A 82 5.36 -5.01 18.62
N ASN A 83 5.38 -3.85 17.97
CA ASN A 83 4.21 -3.41 17.21
C ASN A 83 4.11 -4.03 15.82
N GLY A 84 5.07 -4.90 15.51
CA GLY A 84 5.08 -5.59 14.22
C GLY A 84 5.33 -4.74 12.99
N LEU A 85 5.68 -3.47 13.18
CA LEU A 85 5.89 -2.61 12.02
C LEU A 85 7.19 -2.79 11.23
N ASP A 86 7.97 -3.79 11.62
CA ASP A 86 9.17 -4.12 10.87
C ASP A 86 8.65 -5.01 9.71
N LYS A 87 7.44 -5.54 9.86
CA LYS A 87 6.81 -6.34 8.81
C LYS A 87 5.44 -5.68 8.68
N ASP A 88 5.44 -4.52 8.02
CA ASP A 88 4.24 -3.71 7.90
C ASP A 88 3.33 -4.23 6.78
N ILE A 89 2.52 -5.21 7.12
CA ILE A 89 1.64 -5.86 6.16
C ILE A 89 0.46 -6.49 6.91
N MET A 90 -0.73 -6.47 6.30
CA MET A 90 -1.88 -7.11 6.92
C MET A 90 -2.86 -7.50 5.84
N LEU A 91 -3.59 -8.58 6.12
CA LEU A 91 -4.60 -9.07 5.20
C LEU A 91 -5.95 -8.85 5.86
N ILE A 92 -6.90 -8.37 5.07
CA ILE A 92 -8.24 -8.14 5.55
C ILE A 92 -9.18 -9.04 4.77
N ARG A 93 -9.97 -9.86 5.46
CA ARG A 93 -10.92 -10.69 4.74
C ARG A 93 -12.21 -9.89 4.74
N LEU A 94 -12.81 -9.69 3.58
CA LEU A 94 -14.04 -8.92 3.50
C LEU A 94 -15.20 -9.71 4.07
N ARG A 95 -16.11 -9.04 4.76
CA ARG A 95 -17.26 -9.72 5.36
C ARG A 95 -18.07 -10.47 4.29
N ARG A 96 -18.18 -9.86 3.11
CA ARG A 96 -18.86 -10.43 1.93
C ARG A 96 -17.93 -10.20 0.75
N PRO A 97 -17.82 -11.18 -0.16
CA PRO A 97 -16.93 -10.96 -1.30
C PRO A 97 -17.52 -9.92 -2.23
N VAL A 98 -16.71 -9.48 -3.18
CA VAL A 98 -17.20 -8.55 -4.18
C VAL A 98 -17.28 -9.33 -5.49
N THR A 99 -18.01 -8.77 -6.44
CA THR A 99 -18.15 -9.34 -7.77
C THR A 99 -17.20 -8.52 -8.64
N TYR A 100 -16.38 -9.17 -9.46
CA TYR A 100 -15.46 -8.42 -10.31
C TYR A 100 -16.30 -7.63 -11.30
N SER A 101 -15.92 -6.39 -11.52
CA SER A 101 -16.65 -5.52 -12.41
C SER A 101 -15.71 -4.54 -13.06
N THR A 102 -16.28 -3.63 -13.83
CA THR A 102 -15.49 -2.63 -14.55
C THR A 102 -14.44 -1.95 -13.68
N HIS A 103 -14.84 -1.50 -12.51
CA HIS A 103 -13.93 -0.78 -11.61
C HIS A 103 -13.45 -1.61 -10.42
N ILE A 104 -13.76 -2.89 -10.41
CA ILE A 104 -13.31 -3.77 -9.32
C ILE A 104 -12.69 -5.03 -9.91
N ALA A 105 -11.39 -5.21 -9.71
CA ALA A 105 -10.68 -6.38 -10.22
C ALA A 105 -9.44 -6.59 -9.35
N PRO A 106 -9.01 -7.84 -9.19
CA PRO A 106 -7.82 -8.14 -8.38
C PRO A 106 -6.52 -7.80 -9.05
N VAL A 107 -5.48 -7.59 -8.25
CA VAL A 107 -4.15 -7.35 -8.82
C VAL A 107 -3.34 -8.59 -8.46
N SER A 108 -2.42 -8.96 -9.34
CA SER A 108 -1.57 -10.11 -9.12
C SER A 108 -0.43 -9.86 -8.14
N LEU A 109 -0.08 -10.88 -7.39
CA LEU A 109 1.06 -10.79 -6.46
C LEU A 109 2.28 -10.91 -7.41
N PRO A 110 3.49 -10.63 -6.90
CA PRO A 110 4.68 -10.71 -7.76
C PRO A 110 4.95 -12.13 -8.31
N SER A 111 5.22 -12.22 -9.61
CA SER A 111 5.52 -13.51 -10.23
C SER A 111 7.00 -13.82 -10.06
N ARG A 112 7.79 -12.78 -9.85
CA ARG A 112 9.25 -12.90 -9.66
C ARG A 112 9.70 -11.65 -8.95
N SER A 113 10.87 -11.69 -8.33
CA SER A 113 11.39 -10.52 -7.66
C SER A 113 11.86 -9.47 -8.65
N ARG A 114 11.62 -8.21 -8.33
CA ARG A 114 12.07 -7.10 -9.17
C ARG A 114 12.93 -6.23 -8.26
N GLY A 115 14.02 -5.70 -8.83
CA GLY A 115 14.91 -4.89 -8.02
C GLY A 115 15.33 -3.58 -8.65
N VAL A 116 16.51 -3.13 -8.23
CA VAL A 116 17.07 -1.86 -8.68
C VAL A 116 16.91 -1.58 -10.16
N GLY A 117 16.35 -0.43 -10.48
CA GLY A 117 16.15 -0.07 -11.88
C GLY A 117 14.74 -0.26 -12.41
N SER A 118 13.96 -1.15 -11.78
CA SER A 118 12.58 -1.40 -12.22
C SER A 118 11.75 -0.15 -12.08
N ARG A 119 10.95 0.19 -13.10
CA ARG A 119 10.06 1.35 -13.01
C ARG A 119 8.74 0.83 -12.48
N CYS A 120 8.15 1.55 -11.55
CA CYS A 120 6.89 1.13 -10.94
C CYS A 120 5.95 2.32 -10.84
N ARG A 121 4.72 2.06 -10.47
CA ARG A 121 3.73 3.12 -10.35
C ARG A 121 3.22 3.15 -8.92
N ILE A 122 3.00 4.35 -8.40
CA ILE A 122 2.44 4.50 -7.06
C ILE A 122 1.12 5.25 -7.29
N MET A 123 0.18 5.09 -6.35
CA MET A 123 -1.15 5.68 -6.49
C MET A 123 -1.84 5.69 -5.13
N GLY A 124 -2.66 6.71 -4.89
CA GLY A 124 -3.35 6.78 -3.62
C GLY A 124 -4.13 8.06 -3.50
N TRP A 125 -4.83 8.20 -2.39
CA TRP A 125 -5.61 9.41 -2.10
C TRP A 125 -4.87 10.26 -1.08
N GLY A 126 -3.57 9.98 -0.93
CA GLY A 126 -2.76 10.70 0.02
C GLY A 126 -2.45 12.13 -0.43
N LYS A 127 -1.80 12.91 0.43
CA LYS A 127 -1.45 14.29 0.11
C LYS A 127 -0.80 14.48 -1.25
N ILE A 128 -1.20 15.52 -1.96
CA ILE A 128 -0.62 15.81 -3.25
C ILE A 128 0.28 17.06 -3.20
N SER A 129 0.35 17.69 -2.03
CA SER A 129 1.19 18.88 -1.82
C SER A 129 1.23 19.09 -0.30
N THR A 130 2.09 19.98 0.21
CA THR A 130 2.14 20.17 1.66
C THR A 130 0.82 20.65 2.25
N THR A 131 -0.11 21.06 1.40
CA THR A 131 -1.37 21.60 1.89
C THR A 131 -2.66 20.95 1.42
N THR A 132 -2.57 19.96 0.54
CA THR A 132 -3.78 19.43 -0.02
C THR A 132 -3.94 17.93 -0.16
N TYR A 133 -5.11 17.44 0.23
CA TYR A 133 -5.49 16.05 0.08
C TYR A 133 -6.45 16.05 -1.11
N PRO A 134 -6.30 15.11 -2.04
CA PRO A 134 -7.18 15.09 -3.21
C PRO A 134 -8.49 14.34 -3.01
N ASP A 135 -9.40 14.52 -3.97
CA ASP A 135 -10.66 13.79 -3.91
C ASP A 135 -10.60 12.59 -4.85
N VAL A 136 -9.69 12.65 -5.81
CA VAL A 136 -9.47 11.56 -6.76
C VAL A 136 -8.04 11.03 -6.56
N PRO A 137 -7.82 9.74 -6.75
CA PRO A 137 -6.45 9.23 -6.54
C PRO A 137 -5.45 9.80 -7.55
N HIS A 138 -4.21 10.01 -7.10
CA HIS A 138 -3.15 10.52 -7.98
C HIS A 138 -2.10 9.43 -8.14
N CYS A 139 -1.47 9.44 -9.31
CA CYS A 139 -0.49 8.44 -9.72
C CYS A 139 0.78 9.06 -10.27
N THR A 140 1.86 8.30 -10.24
CA THR A 140 3.12 8.72 -10.85
C THR A 140 4.05 7.49 -10.89
N ASN A 141 5.14 7.61 -11.62
CA ASN A 141 6.09 6.51 -11.73
C ASN A 141 7.34 6.80 -10.94
N ILE A 142 7.88 5.76 -10.32
CA ILE A 142 9.11 5.88 -9.57
C ILE A 142 9.95 4.64 -9.87
N PHE A 143 11.16 4.61 -9.35
CA PHE A 143 12.04 3.47 -9.58
C PHE A 143 12.45 2.84 -8.29
N ILE A 144 12.71 1.54 -8.35
CA ILE A 144 13.22 0.87 -7.19
C ILE A 144 14.69 1.28 -7.27
N VAL A 145 15.26 1.70 -6.15
CA VAL A 145 16.65 2.14 -6.12
C VAL A 145 17.42 1.32 -5.11
N LYS A 146 18.73 1.49 -5.08
CA LYS A 146 19.55 0.75 -4.14
C LYS A 146 19.08 1.01 -2.73
N HIS A 147 19.02 -0.06 -1.94
CA HIS A 147 18.58 0.04 -0.55
C HIS A 147 19.44 0.98 0.27
N LYS A 148 20.69 1.17 -0.15
CA LYS A 148 21.60 2.06 0.56
C LYS A 148 21.04 3.47 0.71
N TRP A 149 20.28 3.94 -0.28
CA TRP A 149 19.72 5.28 -0.18
C TRP A 149 18.77 5.41 1.02
N CYS A 150 18.06 4.32 1.34
CA CYS A 150 17.10 4.31 2.46
C CYS A 150 17.69 4.05 3.84
N GLU A 151 18.66 3.15 3.92
CA GLU A 151 19.25 2.77 5.20
C GLU A 151 19.63 3.89 6.16
N PRO A 152 20.32 4.93 5.69
CA PRO A 152 20.69 6.04 6.58
C PRO A 152 19.51 6.94 6.97
N LEU A 153 18.48 6.95 6.12
CA LEU A 153 17.32 7.78 6.40
C LEU A 153 16.39 7.15 7.42
N TYR A 154 16.30 5.83 7.37
CA TYR A 154 15.40 5.12 8.26
C TYR A 154 16.14 4.03 9.03
N PRO A 155 16.79 4.41 10.15
CA PRO A 155 17.56 3.49 11.00
C PRO A 155 16.81 2.21 11.36
N TRP A 156 15.49 2.32 11.50
CA TRP A 156 14.65 1.19 11.85
C TRP A 156 14.42 0.21 10.68
N VAL A 157 14.95 0.54 9.51
CA VAL A 157 14.81 -0.33 8.34
C VAL A 157 16.20 -0.83 7.91
N PRO A 158 16.64 -1.98 8.45
CA PRO A 158 17.93 -2.59 8.13
C PRO A 158 18.15 -3.05 6.69
N ALA A 159 19.41 -3.33 6.36
CA ALA A 159 19.75 -3.78 5.03
C ALA A 159 19.13 -5.16 4.81
N ASP A 160 18.77 -5.82 5.90
CA ASP A 160 18.16 -7.15 5.83
C ASP A 160 16.65 -7.07 5.85
N SER A 161 16.13 -5.85 5.81
CA SER A 161 14.69 -5.64 5.84
C SER A 161 14.05 -6.16 4.56
N ARG A 162 12.89 -6.80 4.68
CA ARG A 162 12.17 -7.30 3.52
C ARG A 162 11.36 -6.11 2.96
N THR A 163 12.10 -5.13 2.46
CA THR A 163 11.50 -3.92 1.93
C THR A 163 12.17 -3.49 0.64
N LEU A 164 11.47 -2.66 -0.11
CA LEU A 164 12.01 -2.12 -1.33
C LEU A 164 12.15 -0.63 -1.07
N CYS A 165 13.27 -0.07 -1.52
CA CYS A 165 13.56 1.36 -1.39
C CYS A 165 13.18 1.91 -2.76
N ALA A 166 12.33 2.93 -2.80
CA ALA A 166 11.91 3.41 -4.11
C ALA A 166 11.47 4.87 -4.16
N GLY A 167 11.67 5.46 -5.34
CA GLY A 167 11.28 6.84 -5.57
C GLY A 167 12.03 7.41 -6.75
N ILE A 168 12.24 8.72 -6.72
CA ILE A 168 12.93 9.45 -7.78
C ILE A 168 14.04 10.22 -7.03
N LEU A 169 15.28 9.84 -7.27
CA LEU A 169 16.41 10.45 -6.56
C LEU A 169 16.51 11.95 -6.76
N LYS A 170 16.07 12.41 -7.92
CA LYS A 170 16.08 13.83 -8.24
C LYS A 170 15.17 14.61 -7.28
N GLY A 171 14.12 13.94 -6.80
CA GLY A 171 13.15 14.56 -5.91
C GLY A 171 11.89 14.93 -6.69
N GLY A 172 10.79 15.24 -6.00
CA GLY A 172 9.59 15.65 -6.71
C GLY A 172 8.43 14.67 -6.80
N ARG A 173 8.74 13.39 -6.83
CA ARG A 173 7.70 12.36 -6.94
C ARG A 173 7.87 11.38 -5.79
N ASP A 174 6.78 11.07 -5.11
CA ASP A 174 6.91 10.21 -3.93
C ASP A 174 5.50 9.92 -3.42
N THR A 175 5.34 8.92 -2.57
CA THR A 175 4.03 8.74 -1.96
C THR A 175 4.02 9.76 -0.82
N CYS A 176 2.92 9.88 -0.10
CA CYS A 176 2.87 10.85 0.99
C CYS A 176 1.83 10.46 2.03
N HIS A 177 1.55 11.35 2.97
CA HIS A 177 0.60 11.06 4.04
C HIS A 177 -0.73 10.57 3.51
N GLY A 178 -1.15 9.42 4.03
CA GLY A 178 -2.41 8.81 3.63
C GLY A 178 -2.27 7.79 2.50
N ASP A 179 -1.07 7.64 1.93
CA ASP A 179 -0.85 6.67 0.86
C ASP A 179 -0.45 5.28 1.38
N SER A 180 -0.17 5.15 2.68
CA SER A 180 0.25 3.84 3.19
C SER A 180 -0.78 2.78 2.89
N GLY A 181 -0.29 1.55 2.71
CA GLY A 181 -1.17 0.43 2.45
C GLY A 181 -1.41 0.21 0.98
N GLY A 182 -1.26 1.27 0.17
CA GLY A 182 -1.50 1.15 -1.26
C GLY A 182 -0.43 0.32 -1.96
N PRO A 183 -0.69 -0.06 -3.21
CA PRO A 183 0.28 -0.88 -3.95
C PRO A 183 1.32 -0.14 -4.76
N LEU A 184 2.52 -0.73 -4.79
CA LEU A 184 3.62 -0.26 -5.62
C LEU A 184 3.48 -1.27 -6.77
N ILE A 185 3.04 -0.81 -7.93
CA ILE A 185 2.82 -1.69 -9.09
C ILE A 185 4.01 -1.70 -10.05
N CYS A 186 4.60 -2.86 -10.29
CA CYS A 186 5.73 -2.94 -11.22
C CYS A 186 5.40 -4.07 -12.20
N ASN A 187 5.33 -3.73 -13.48
CA ASN A 187 5.00 -4.70 -14.51
C ASN A 187 3.66 -5.38 -14.23
N GLY A 188 2.65 -4.56 -13.94
CA GLY A 188 1.33 -5.08 -13.68
C GLY A 188 1.16 -5.90 -12.41
N GLU A 189 2.20 -6.01 -11.57
CA GLU A 189 2.09 -6.79 -10.34
C GLU A 189 2.34 -5.93 -9.09
N MET A 190 1.82 -6.36 -7.95
CA MET A 190 1.97 -5.60 -6.71
C MET A 190 3.22 -6.06 -5.99
N HIS A 191 4.30 -5.32 -6.21
CA HIS A 191 5.57 -5.65 -5.59
C HIS A 191 5.77 -5.00 -4.25
N GLY A 192 5.01 -3.94 -3.96
CA GLY A 192 5.20 -3.29 -2.68
C GLY A 192 3.93 -2.78 -2.02
N ILE A 193 4.03 -2.54 -0.72
CA ILE A 193 2.95 -1.97 0.07
C ILE A 193 3.56 -0.69 0.65
N VAL A 194 2.94 0.46 0.37
CA VAL A 194 3.49 1.72 0.89
C VAL A 194 3.61 1.69 2.42
N ALA A 195 4.81 1.91 2.94
CA ALA A 195 5.01 1.89 4.38
C ALA A 195 5.24 3.30 4.92
N GLY A 196 6.38 3.89 4.57
CA GLY A 196 6.66 5.23 5.06
C GLY A 196 7.78 5.90 4.30
N GLY A 197 8.05 7.14 4.67
CA GLY A 197 9.11 7.87 4.02
C GLY A 197 9.53 9.11 4.77
N SER A 198 10.22 10.00 4.07
CA SER A 198 10.72 11.20 4.71
C SER A 198 9.68 12.35 4.75
N GLU A 199 10.02 13.37 5.53
CA GLU A 199 9.13 14.49 5.78
C GLU A 199 9.92 15.78 5.59
N PRO A 200 9.52 16.62 4.63
CA PRO A 200 8.37 16.46 3.72
C PRO A 200 8.57 15.38 2.67
N CYS A 201 7.49 14.97 2.02
CA CYS A 201 7.57 13.97 0.99
C CYS A 201 8.24 14.56 -0.24
N GLY A 202 8.78 13.69 -1.10
CA GLY A 202 9.37 14.15 -2.35
C GLY A 202 10.72 14.87 -2.35
N GLN A 203 11.46 14.80 -1.26
CA GLN A 203 12.80 15.43 -1.22
C GLN A 203 13.86 14.72 -2.07
N HIS A 204 14.84 15.51 -2.49
CA HIS A 204 15.97 15.00 -3.27
C HIS A 204 16.70 13.95 -2.42
N LEU A 205 17.04 12.81 -3.04
CA LEU A 205 17.76 11.72 -2.37
C LEU A 205 17.02 11.09 -1.21
N LYS A 206 15.69 11.19 -1.17
CA LYS A 206 15.00 10.57 -0.06
C LYS A 206 13.88 9.65 -0.56
N PRO A 207 14.26 8.50 -1.11
CA PRO A 207 13.28 7.53 -1.61
C PRO A 207 12.52 7.03 -0.37
N ALA A 208 11.44 6.31 -0.59
CA ALA A 208 10.58 5.83 0.48
C ALA A 208 10.66 4.30 0.60
N VAL A 209 10.03 3.79 1.65
CA VAL A 209 10.04 2.37 1.95
C VAL A 209 8.69 1.68 1.64
N TYR A 210 8.78 0.57 0.94
CA TYR A 210 7.62 -0.22 0.55
C TYR A 210 7.85 -1.66 1.00
N THR A 211 6.88 -2.25 1.69
CA THR A 211 7.04 -3.64 2.13
C THR A 211 7.21 -4.51 0.87
N LYS A 212 8.21 -5.39 0.85
CA LYS A 212 8.46 -6.19 -0.34
C LYS A 212 7.53 -7.39 -0.39
N VAL A 213 6.47 -7.27 -1.16
CA VAL A 213 5.45 -8.30 -1.23
C VAL A 213 5.90 -9.72 -1.60
N PHE A 214 6.77 -9.83 -2.59
CA PHE A 214 7.26 -11.14 -3.06
C PHE A 214 7.65 -12.08 -1.93
N ASP A 215 8.33 -11.54 -0.92
CA ASP A 215 8.77 -12.33 0.21
C ASP A 215 7.62 -12.95 1.00
N TYR A 216 6.48 -12.26 1.00
CA TYR A 216 5.33 -12.73 1.77
C TYR A 216 4.34 -13.54 0.93
N ASN A 217 4.69 -13.81 -0.32
CA ASN A 217 3.80 -14.57 -1.20
C ASN A 217 3.26 -15.87 -0.58
N ASN A 218 4.12 -16.69 0.04
CA ASN A 218 3.64 -17.93 0.63
C ASN A 218 2.73 -17.68 1.83
N TRP A 219 3.12 -16.73 2.68
CA TRP A 219 2.31 -16.41 3.85
C TRP A 219 0.93 -15.96 3.38
N ILE A 220 0.91 -15.04 2.42
CA ILE A 220 -0.36 -14.52 1.92
C ILE A 220 -1.24 -15.64 1.39
N GLN A 221 -0.69 -16.48 0.52
CA GLN A 221 -1.47 -17.55 -0.06
C GLN A 221 -1.94 -18.57 0.97
N SER A 222 -1.15 -18.81 2.01
CA SER A 222 -1.55 -19.78 3.03
C SER A 222 -2.69 -19.23 3.89
N ILE A 223 -2.65 -17.94 4.22
CA ILE A 223 -3.72 -17.34 5.01
C ILE A 223 -5.02 -17.42 4.22
N ILE A 224 -4.93 -17.05 2.95
CA ILE A 224 -6.10 -17.10 2.11
C ILE A 224 -6.63 -18.53 2.04
N ALA A 225 -5.71 -19.48 1.92
CA ALA A 225 -6.06 -20.90 1.85
C ALA A 225 -6.82 -21.35 3.10
N GLY A 226 -6.59 -20.65 4.22
CA GLY A 226 -7.28 -21.01 5.44
C GLY A 226 -6.33 -21.39 6.55
N ASN A 227 -5.06 -21.46 6.26
CA ASN A 227 -4.06 -21.81 7.26
C ASN A 227 -4.01 -20.68 8.30
N ARG A 228 -3.88 -21.05 9.57
CA ARG A 228 -3.81 -20.05 10.63
C ARG A 228 -2.63 -20.22 11.55
N THR A 229 -1.63 -21.00 11.14
CA THR A 229 -0.45 -21.19 11.98
C THR A 229 0.80 -20.80 11.20
N VAL A 230 0.64 -20.66 9.88
CA VAL A 230 1.76 -20.29 9.02
C VAL A 230 2.42 -19.00 9.53
N THR A 231 3.71 -18.82 9.26
CA THR A 231 4.43 -17.64 9.72
C THR A 231 5.06 -16.84 8.56
N CYS A 232 5.27 -15.55 8.80
CA CYS A 232 5.88 -14.69 7.79
C CYS A 232 7.35 -14.97 7.66
N PRO A 233 7.95 -14.58 6.54
CA PRO A 233 9.37 -14.84 6.40
C PRO A 233 10.08 -14.25 7.63
N PRO A 234 11.11 -14.92 8.13
CA PRO A 234 11.86 -14.45 9.31
C PRO A 234 12.42 -13.04 9.15
N ILE B 7 10.86 3.93 15.58
CA ILE B 7 10.25 4.54 14.36
C ILE B 7 9.88 6.00 14.58
N ALA B 8 10.48 6.89 13.80
CA ALA B 8 10.22 8.33 13.88
C ALA B 8 8.74 8.65 13.64
N ALA B 9 8.24 9.66 14.35
CA ALA B 9 6.83 10.07 14.23
C ALA B 9 6.40 10.60 12.86
N TRP B 10 7.36 11.00 12.04
CA TRP B 10 7.02 11.55 10.72
C TRP B 10 7.12 10.52 9.60
N TYR B 11 7.49 9.29 9.95
CA TYR B 11 7.71 8.27 8.94
C TYR B 11 6.51 7.54 8.35
N LEU B 12 5.66 7.00 9.20
CA LEU B 12 4.51 6.25 8.71
C LEU B 12 3.56 7.12 7.90
N ARG B 13 3.18 6.63 6.72
CA ARG B 13 2.27 7.39 5.90
C ARG B 13 0.84 6.86 5.94
C1 NAG C . 0.04 -24.30 7.67
C2 NAG C . -0.27 -25.81 7.69
C3 NAG C . 0.84 -26.54 8.46
C4 NAG C . 2.22 -26.18 7.90
C5 NAG C . 2.39 -24.66 7.88
C6 NAG C . 3.70 -24.22 7.25
C7 NAG C . -2.46 -26.80 7.72
C8 NAG C . -3.12 -26.28 6.45
N2 NAG C . -1.55 -26.03 8.31
O3 NAG C . 0.63 -27.94 8.37
O4 NAG C . 3.23 -26.77 8.74
O5 NAG C . 1.32 -24.05 7.11
O6 NAG C . 3.74 -24.53 5.87
O7 NAG C . -2.79 -27.89 8.17
C1 NAG C . 4.33 -27.31 8.09
C2 NAG C . 5.47 -27.49 9.10
C3 NAG C . 6.66 -28.19 8.42
C4 NAG C . 6.19 -29.51 7.82
C5 NAG C . 5.02 -29.25 6.86
C6 NAG C . 4.44 -30.52 6.27
C7 NAG C . 5.67 -25.94 10.91
C8 NAG C . 6.81 -25.26 11.67
N2 NAG C . 5.87 -26.20 9.63
O3 NAG C . 7.68 -28.45 9.39
O4 NAG C . 7.27 -30.17 7.13
O5 NAG C . 3.94 -28.58 7.54
O6 NAG C . 3.61 -31.18 7.21
O7 NAG C . 4.63 -26.22 11.51
C1 BMA C . 7.36 -31.53 7.34
C2 BMA C . 7.80 -32.23 6.05
C3 BMA C . 7.98 -33.73 6.30
C4 BMA C . 8.95 -33.94 7.48
C5 BMA C . 8.45 -33.17 8.70
C6 BMA C . 9.41 -33.27 9.88
O2 BMA C . 9.02 -31.67 5.58
O3 BMA C . 8.51 -34.35 5.13
O4 BMA C . 9.03 -35.33 7.79
O5 BMA C . 8.32 -31.77 8.38
O6 BMA C . 8.92 -32.58 11.01
C2 BGC D . -18.38 8.92 2.71
C3 BGC D . -18.22 8.37 1.29
C4 BGC D . -16.75 8.34 0.88
C5 BGC D . -15.91 7.59 1.94
C6 BGC D . -14.42 7.64 1.67
C1 BGC D . -17.50 8.10 3.67
O1 BGC D . -17.58 8.64 4.95
O2 BGC D . -19.74 8.83 3.11
O3 BGC D . -18.97 9.15 0.38
O4 BGC D . -16.62 7.70 -0.38
O5 BGC D . -16.13 8.17 3.26
O6 BGC D . -13.91 8.97 1.73
C1 GLC E . 4.11 2.13 -15.29
C2 GLC E . 5.19 1.27 -14.61
C3 GLC E . 4.86 -0.22 -14.81
C4 GLC E . 3.47 -0.49 -14.22
C5 GLC E . 2.44 0.44 -14.89
C6 GLC E . 1.04 0.30 -14.31
O1 GLC E . 4.06 1.83 -16.65
O2 GLC E . 6.47 1.56 -15.18
O3 GLC E . 5.84 -1.03 -14.17
O4 GLC E . 3.09 -1.85 -14.44
O5 GLC E . 2.83 1.83 -14.72
O6 GLC E . 0.12 1.15 -14.98
C ACT F . 4.04 16.83 2.71
O ACT F . 2.97 16.97 3.26
OXT ACT F . 5.00 16.39 3.35
CH3 ACT F . 4.20 17.21 1.26
C ACT G . -6.28 17.74 -7.38
O ACT G . -6.91 16.75 -7.73
OXT ACT G . -5.21 18.01 -7.94
CH3 ACT G . -6.80 18.62 -6.28
C ACT H . -16.44 2.40 -17.78
O ACT H . -17.10 3.11 -17.02
OXT ACT H . -15.22 2.40 -17.71
CH3 ACT H . -17.14 1.51 -18.79
C ACT I . -15.25 5.97 -16.83
O ACT I . -15.31 5.38 -15.74
OXT ACT I . -14.63 5.47 -17.76
CH3 ACT I . -15.94 7.30 -17.00
ZN ZN J . 4.51 15.98 5.24
ZN ZN K . -4.54 16.75 -9.15
ZN ZN L . -14.82 3.44 -15.90
#